data_3CIN
#
_entry.id   3CIN
#
_cell.length_a   69.304
_cell.length_b   104.950
_cell.length_c   117.013
_cell.angle_alpha   90.000
_cell.angle_beta   90.000
_cell.angle_gamma   90.000
#
_symmetry.space_group_name_H-M   'I 2 2 2'
#
loop_
_entity.id
_entity.type
_entity.pdbx_description
1 polymer 'Myo-inositol-1-phosphate synthase-related protein'
2 non-polymer 'CHLORIDE ION'
3 non-polymer 'MAGNESIUM ION'
4 non-polymer NICOTINAMIDE-ADENINE-DINUCLEOTIDE
5 water water
#
_entity_poly.entity_id   1
_entity_poly.type   'polypeptide(L)'
_entity_poly.pdbx_seq_one_letter_code
;MGSDKIHHHHHHMVKVLILGQGYVASTFVAGLEKLRKGEIEPYGVPLARELPIGFEDIKIVGSYDVDRAKIGKKLSEVVK
QYWNDVDSLTSDPEIRKGVHLGSVRNLPIEAEGLEDSMTLKEAVDTLVKEWTELDPDVIVNTCTTEAFVPFGNKEDLLKA
IENNDKERLTATQVYAYAAALYANKRGGAAFVNVIPTFIANDPAFVELAKENNLVVFGDDGATGATPFTADVLSHLAQRN
RYVKDVAQFNIGGNMDFLALTDDGKNKSKEFTKSSIVKDILGYDAPHYIKPTGYLEPLGDKKFIAIHIEYVSFNGATDEL
MINGRINDSPALGGLLVDLVRLGKIALDRKEFGTVYPVNAFYMKNPGPAEEKNIPRIIAYEKMRIWAGLKPKWL
;
_entity_poly.pdbx_strand_id   A
#
# COMPACT_ATOMS: atom_id res chain seq x y z
N HIS A 12 -11.35 -20.72 -9.34
CA HIS A 12 -10.92 -19.31 -9.50
C HIS A 12 -10.81 -18.61 -8.13
N MET A 13 -9.71 -18.91 -7.42
CA MET A 13 -9.52 -18.59 -6.00
C MET A 13 -8.25 -17.79 -5.80
N VAL A 14 -8.20 -17.01 -4.72
CA VAL A 14 -6.97 -16.31 -4.35
C VAL A 14 -6.78 -16.41 -2.85
N LYS A 15 -5.65 -16.93 -2.43
CA LYS A 15 -5.31 -17.02 -1.01
C LYS A 15 -4.42 -15.83 -0.68
N VAL A 16 -4.75 -15.14 0.40
CA VAL A 16 -4.13 -13.88 0.78
C VAL A 16 -3.55 -13.95 2.18
N LEU A 17 -2.31 -13.44 2.30
CA LEU A 17 -1.64 -13.33 3.60
C LEU A 17 -1.48 -11.83 3.88
N ILE A 18 -1.79 -11.40 5.09
CA ILE A 18 -1.71 -9.98 5.45
C ILE A 18 -0.52 -9.75 6.35
N LEU A 19 0.25 -8.71 6.08
CA LEU A 19 1.34 -8.26 6.97
C LEU A 19 0.87 -6.94 7.56
N GLY A 20 0.60 -6.96 8.86
CA GLY A 20 0.27 -5.77 9.66
C GLY A 20 -1.22 -5.68 9.84
N GLN A 21 -1.72 -6.21 10.96
CA GLN A 21 -3.18 -6.32 11.19
C GLN A 21 -3.76 -5.11 11.94
N GLY A 22 -3.76 -3.96 11.25
CA GLY A 22 -4.27 -2.72 11.83
C GLY A 22 -5.57 -2.27 11.16
N TYR A 23 -5.75 -0.96 11.03
CA TYR A 23 -6.99 -0.41 10.54
C TYR A 23 -7.26 -0.78 9.10
N VAL A 24 -6.30 -0.55 8.22
CA VAL A 24 -6.51 -0.93 6.78
C VAL A 24 -6.81 -2.39 6.62
N ALA A 25 -5.94 -3.20 7.20
CA ALA A 25 -6.11 -4.63 7.12
C ALA A 25 -7.44 -5.12 7.66
N SER A 26 -7.84 -4.59 8.80
CA SER A 26 -9.03 -5.02 9.43
C SER A 26 -10.28 -4.53 8.66
N THR A 27 -10.21 -3.38 8.01
CA THR A 27 -11.32 -2.90 7.21
C THR A 27 -11.45 -3.78 5.94
N PHE A 28 -10.32 -4.13 5.34
CA PHE A 28 -10.26 -5.09 4.21
C PHE A 28 -10.94 -6.37 4.58
N VAL A 29 -10.63 -6.89 5.75
CA VAL A 29 -11.18 -8.19 6.16
C VAL A 29 -12.67 -8.08 6.45
N ALA A 30 -13.03 -7.03 7.16
CA ALA A 30 -14.43 -6.89 7.61
C ALA A 30 -15.33 -6.60 6.38
N GLY A 31 -14.84 -5.73 5.50
CA GLY A 31 -15.56 -5.39 4.28
C GLY A 31 -15.74 -6.62 3.40
N LEU A 32 -14.67 -7.40 3.25
N LEU A 32 -14.66 -7.39 3.24
CA LEU A 32 -14.71 -8.58 2.42
CA LEU A 32 -14.71 -8.60 2.44
C LEU A 32 -15.70 -9.60 2.97
C LEU A 32 -15.76 -9.54 2.98
N GLU A 33 -15.76 -9.72 4.29
CA GLU A 33 -16.74 -10.60 4.92
C GLU A 33 -18.16 -10.20 4.57
N LYS A 34 -18.48 -8.91 4.68
CA LYS A 34 -19.80 -8.41 4.29
C LYS A 34 -20.08 -8.62 2.82
N LEU A 35 -19.07 -8.49 1.98
CA LEU A 35 -19.25 -8.70 0.55
C LEU A 35 -19.53 -10.14 0.16
N ARG A 36 -18.83 -11.09 0.78
CA ARG A 36 -19.13 -12.50 0.55
C ARG A 36 -20.49 -12.87 1.19
N LYS A 37 -20.91 -12.17 2.26
CA LYS A 37 -22.18 -12.44 2.91
C LYS A 37 -23.30 -11.54 2.31
N GLY A 38 -23.00 -10.80 1.24
CA GLY A 38 -24.01 -9.99 0.53
C GLY A 38 -24.66 -8.91 1.33
N GLU A 39 -24.03 -8.54 2.43
CA GLU A 39 -24.61 -7.59 3.34
C GLU A 39 -24.38 -6.22 2.79
N ILE A 40 -23.48 -6.09 1.81
CA ILE A 40 -23.24 -4.80 1.19
C ILE A 40 -22.87 -4.95 -0.27
N GLU A 41 -23.04 -3.86 -1.02
CA GLU A 41 -22.56 -3.80 -2.40
C GLU A 41 -21.11 -3.39 -2.42
N PRO A 42 -20.36 -3.76 -3.48
CA PRO A 42 -18.94 -3.41 -3.56
C PRO A 42 -18.62 -1.97 -3.95
N TYR A 43 -19.32 -1.01 -3.38
CA TYR A 43 -18.88 0.38 -3.52
C TYR A 43 -17.47 0.54 -3.00
N GLY A 44 -16.70 1.39 -3.65
CA GLY A 44 -15.29 1.55 -3.33
C GLY A 44 -14.33 0.49 -3.87
N VAL A 45 -14.88 -0.54 -4.49
CA VAL A 45 -14.07 -1.58 -5.17
C VAL A 45 -14.17 -1.28 -6.68
N PRO A 46 -13.13 -0.66 -7.25
CA PRO A 46 -13.27 -0.16 -8.64
C PRO A 46 -13.79 -1.12 -9.66
N LEU A 47 -13.29 -2.36 -9.67
CA LEU A 47 -13.70 -3.32 -10.68
C LEU A 47 -14.82 -4.22 -10.20
N ALA A 48 -15.28 -4.02 -8.97
CA ALA A 48 -16.50 -4.66 -8.48
C ALA A 48 -16.55 -6.13 -8.89
N ARG A 49 -17.63 -6.56 -9.55
CA ARG A 49 -17.80 -7.96 -9.93
C ARG A 49 -17.42 -8.25 -11.37
N GLU A 50 -16.62 -7.38 -11.98
CA GLU A 50 -16.21 -7.55 -13.39
C GLU A 50 -15.08 -8.56 -13.58
N LEU A 51 -14.39 -8.91 -12.50
CA LEU A 51 -13.26 -9.86 -12.62
C LEU A 51 -13.78 -11.28 -12.47
N PRO A 52 -13.03 -12.25 -13.00
CA PRO A 52 -13.43 -13.68 -12.90
C PRO A 52 -13.41 -14.26 -11.49
N ILE A 53 -12.69 -13.62 -10.57
CA ILE A 53 -12.58 -14.03 -9.20
C ILE A 53 -13.64 -13.23 -8.43
N GLY A 54 -14.54 -13.94 -7.79
CA GLY A 54 -15.58 -13.30 -6.99
C GLY A 54 -15.15 -13.12 -5.54
N PHE A 55 -15.95 -12.38 -4.78
CA PHE A 55 -15.53 -12.01 -3.43
C PHE A 55 -15.47 -13.24 -2.51
N GLU A 56 -16.33 -14.21 -2.74
CA GLU A 56 -16.34 -15.47 -2.00
C GLU A 56 -15.09 -16.32 -2.22
N ASP A 57 -14.40 -16.06 -3.33
CA ASP A 57 -13.19 -16.76 -3.75
C ASP A 57 -11.87 -16.18 -3.17
N ILE A 58 -11.94 -15.11 -2.37
CA ILE A 58 -10.80 -14.52 -1.71
C ILE A 58 -10.73 -15.11 -0.29
N LYS A 59 -9.67 -15.85 0.03
CA LYS A 59 -9.52 -16.51 1.33
C LYS A 59 -8.34 -15.93 2.09
N ILE A 60 -8.56 -15.45 3.31
CA ILE A 60 -7.46 -14.97 4.16
C ILE A 60 -6.82 -16.16 4.84
N VAL A 61 -5.58 -16.48 4.44
CA VAL A 61 -4.86 -17.62 5.06
C VAL A 61 -3.90 -17.26 6.19
N GLY A 62 -3.66 -15.99 6.44
CA GLY A 62 -2.73 -15.63 7.48
C GLY A 62 -2.67 -14.16 7.72
N SER A 63 -2.23 -13.83 8.94
CA SER A 63 -2.08 -12.46 9.35
C SER A 63 -0.91 -12.38 10.32
N TYR A 64 0.00 -11.45 10.06
CA TYR A 64 1.19 -11.23 10.90
C TYR A 64 1.20 -9.84 11.53
N ASP A 65 1.70 -9.78 12.74
CA ASP A 65 1.90 -8.51 13.42
C ASP A 65 3.14 -8.61 14.33
N VAL A 66 3.46 -7.50 14.99
CA VAL A 66 4.51 -7.46 15.97
C VAL A 66 3.97 -6.99 17.29
N ASP A 67 2.70 -6.59 17.35
CA ASP A 67 2.06 -6.18 18.60
C ASP A 67 1.79 -7.36 19.50
N ARG A 68 2.36 -7.33 20.70
CA ARG A 68 2.20 -8.42 21.62
C ARG A 68 0.73 -8.59 22.03
N ALA A 69 -0.01 -7.49 22.01
CA ALA A 69 -1.46 -7.50 22.27
C ALA A 69 -2.28 -8.23 21.18
N LYS A 70 -1.73 -8.37 19.97
CA LYS A 70 -2.41 -9.01 18.84
C LYS A 70 -1.93 -10.41 18.54
N ILE A 71 -0.62 -10.69 18.72
CA ILE A 71 -0.05 -11.98 18.36
C ILE A 71 -0.72 -13.08 19.17
N GLY A 72 -1.24 -14.10 18.48
CA GLY A 72 -1.92 -15.23 19.12
C GLY A 72 -3.42 -15.09 19.22
N LYS A 73 -3.95 -13.88 18.98
N LYS A 73 -3.95 -13.88 18.98
CA LYS A 73 -5.40 -13.66 18.91
CA LYS A 73 -5.41 -13.66 18.92
C LYS A 73 -5.93 -14.21 17.59
C LYS A 73 -5.96 -14.13 17.59
N LYS A 74 -7.21 -14.57 17.58
CA LYS A 74 -7.84 -14.89 16.29
C LYS A 74 -7.99 -13.58 15.52
N LEU A 75 -7.89 -13.68 14.19
CA LEU A 75 -8.14 -12.54 13.30
C LEU A 75 -9.45 -11.80 13.67
N SER A 76 -10.54 -12.54 13.90
CA SER A 76 -11.83 -11.97 14.31
C SER A 76 -11.80 -11.07 15.54
N GLU A 77 -10.99 -11.44 16.54
CA GLU A 77 -10.91 -10.70 17.82
C GLU A 77 -10.28 -9.33 17.58
N VAL A 78 -9.30 -9.29 16.68
CA VAL A 78 -8.60 -8.05 16.34
C VAL A 78 -9.48 -7.21 15.42
N VAL A 79 -10.04 -7.83 14.39
CA VAL A 79 -10.97 -7.10 13.47
C VAL A 79 -12.13 -6.41 14.25
N LYS A 80 -12.73 -7.10 15.23
CA LYS A 80 -13.83 -6.50 16.02
C LYS A 80 -13.40 -5.27 16.80
N GLN A 81 -12.12 -5.15 17.13
CA GLN A 81 -11.66 -3.95 17.79
C GLN A 81 -11.81 -2.76 16.87
N TYR A 82 -11.73 -2.96 15.55
CA TYR A 82 -11.89 -1.84 14.59
C TYR A 82 -13.33 -1.68 14.09
N TRP A 83 -14.02 -2.82 13.92
CA TRP A 83 -15.39 -2.88 13.41
C TRP A 83 -16.22 -3.77 14.28
N ASN A 84 -16.93 -3.13 15.22
CA ASN A 84 -17.60 -3.84 16.30
C ASN A 84 -18.72 -4.77 15.82
N ASP A 85 -19.17 -4.55 14.58
CA ASP A 85 -20.27 -5.35 14.00
C ASP A 85 -19.80 -6.76 13.54
N VAL A 86 -18.50 -6.95 13.45
CA VAL A 86 -17.96 -8.24 13.04
C VAL A 86 -17.86 -9.19 14.24
N ASP A 87 -18.70 -10.22 14.28
CA ASP A 87 -18.63 -11.19 15.37
C ASP A 87 -18.07 -12.56 14.98
N SER A 88 -17.79 -12.76 13.70
CA SER A 88 -17.13 -13.96 13.22
C SER A 88 -16.62 -13.74 11.81
N LEU A 89 -15.73 -14.64 11.41
CA LEU A 89 -15.16 -14.61 10.07
C LEU A 89 -15.13 -16.03 9.52
N THR A 90 -15.27 -16.12 8.20
CA THR A 90 -15.33 -17.38 7.47
C THR A 90 -13.99 -18.13 7.57
N SER A 91 -12.90 -17.38 7.39
CA SER A 91 -11.55 -17.89 7.69
C SER A 91 -10.98 -17.00 8.79
N ASP A 92 -10.58 -17.61 9.90
CA ASP A 92 -10.24 -16.90 11.14
C ASP A 92 -8.91 -17.39 11.76
N PRO A 93 -7.81 -17.21 11.02
CA PRO A 93 -6.51 -17.65 11.46
C PRO A 93 -5.98 -16.87 12.65
N GLU A 94 -5.06 -17.48 13.40
CA GLU A 94 -4.43 -16.78 14.50
C GLU A 94 -3.34 -15.90 14.00
N ILE A 95 -3.20 -14.73 14.60
CA ILE A 95 -2.19 -13.76 14.15
C ILE A 95 -0.82 -14.24 14.63
N ARG A 96 0.13 -14.19 13.70
CA ARG A 96 1.46 -14.71 13.91
C ARG A 96 2.49 -13.61 14.06
N LYS A 97 3.63 -13.97 14.67
CA LYS A 97 4.73 -13.01 14.90
C LYS A 97 5.57 -12.83 13.63
N GLY A 98 5.71 -11.55 13.26
CA GLY A 98 6.61 -11.13 12.21
C GLY A 98 8.00 -10.70 12.66
N VAL A 99 8.56 -9.72 11.93
CA VAL A 99 9.85 -9.10 12.23
C VAL A 99 9.60 -7.62 12.43
N HIS A 100 10.13 -7.03 13.48
CA HIS A 100 9.74 -5.65 13.85
C HIS A 100 10.65 -4.59 13.33
N LEU A 101 11.94 -4.88 13.37
N LEU A 101 11.94 -4.89 13.30
CA LEU A 101 12.95 -3.86 13.14
CA LEU A 101 12.95 -3.88 13.04
C LEU A 101 12.55 -2.55 13.83
C LEU A 101 12.57 -2.57 13.79
N GLY A 102 12.56 -1.43 13.12
CA GLY A 102 12.26 -0.16 13.80
C GLY A 102 10.81 0.29 13.77
N SER A 103 9.91 -0.58 13.28
CA SER A 103 8.59 -0.13 12.84
C SER A 103 7.78 0.66 13.88
N VAL A 104 7.67 0.06 15.06
CA VAL A 104 6.80 0.58 16.15
C VAL A 104 7.55 1.24 17.31
N ARG A 105 8.81 1.59 17.07
CA ARG A 105 9.70 2.13 18.10
C ARG A 105 9.17 3.42 18.75
N ASN A 106 8.44 4.22 17.96
CA ASN A 106 7.88 5.45 18.41
C ASN A 106 6.41 5.41 18.84
N LEU A 107 5.82 4.22 18.87
CA LEU A 107 4.42 4.01 19.22
C LEU A 107 4.25 3.24 20.50
N PRO A 108 3.11 3.42 21.17
CA PRO A 108 2.83 2.73 22.41
C PRO A 108 2.39 1.29 22.19
N ILE A 109 3.28 0.52 21.56
CA ILE A 109 3.06 -0.87 21.22
C ILE A 109 4.22 -1.65 21.81
N GLU A 110 3.90 -2.74 22.51
CA GLU A 110 4.89 -3.67 23.01
C GLU A 110 5.23 -4.64 21.88
N ALA A 111 6.42 -4.48 21.30
CA ALA A 111 6.81 -5.21 20.09
C ALA A 111 7.45 -6.56 20.35
N GLU A 112 7.12 -7.54 19.51
CA GLU A 112 7.90 -8.76 19.42
C GLU A 112 8.14 -9.19 17.98
N GLY A 113 9.28 -9.83 17.77
CA GLY A 113 9.77 -10.12 16.45
C GLY A 113 10.63 -11.34 16.40
N LEU A 114 10.57 -12.05 15.29
CA LEU A 114 11.44 -13.21 15.09
C LEU A 114 12.91 -12.84 15.34
N GLU A 115 13.30 -11.62 14.95
CA GLU A 115 14.74 -11.28 14.89
C GLU A 115 15.29 -10.93 16.29
N ASP A 116 14.41 -10.99 17.29
CA ASP A 116 14.78 -10.91 18.71
C ASP A 116 15.53 -12.17 19.17
N SER A 117 15.31 -13.28 18.48
CA SER A 117 15.92 -14.55 18.86
C SER A 117 16.74 -15.20 17.76
N MET A 118 16.92 -14.50 16.64
CA MET A 118 17.62 -15.08 15.48
C MET A 118 18.08 -13.98 14.55
N THR A 119 19.00 -14.29 13.62
CA THR A 119 19.43 -13.30 12.64
C THR A 119 18.33 -13.00 11.61
N LEU A 120 18.49 -11.90 10.85
CA LEU A 120 17.52 -11.59 9.81
C LEU A 120 17.43 -12.75 8.77
N LYS A 121 18.57 -13.31 8.42
CA LYS A 121 18.60 -14.38 7.43
C LYS A 121 17.80 -15.58 7.95
N GLU A 122 17.98 -15.89 9.22
CA GLU A 122 17.20 -16.96 9.85
C GLU A 122 15.71 -16.66 9.94
N ALA A 123 15.39 -15.41 10.29
CA ALA A 123 14.00 -14.94 10.41
C ALA A 123 13.28 -15.05 9.05
N VAL A 124 13.97 -14.66 7.99
CA VAL A 124 13.45 -14.82 6.64
C VAL A 124 13.17 -16.29 6.30
N ASP A 125 14.14 -17.17 6.54
CA ASP A 125 13.93 -18.60 6.28
C ASP A 125 12.76 -19.15 7.10
N THR A 126 12.60 -18.68 8.32
CA THR A 126 11.45 -19.04 9.16
C THR A 126 10.11 -18.57 8.58
N LEU A 127 10.03 -17.29 8.19
CA LEU A 127 8.86 -16.80 7.45
C LEU A 127 8.56 -17.65 6.22
N VAL A 128 9.54 -17.93 5.41
CA VAL A 128 9.34 -18.69 4.18
C VAL A 128 8.75 -20.06 4.53
N LYS A 129 9.33 -20.76 5.49
CA LYS A 129 8.78 -22.04 5.89
C LYS A 129 7.30 -21.92 6.35
N GLU A 130 7.00 -20.94 7.20
CA GLU A 130 5.58 -20.72 7.61
C GLU A 130 4.60 -20.43 6.40
N TRP A 131 5.04 -19.56 5.51
CA TRP A 131 4.29 -19.17 4.39
C TRP A 131 4.06 -20.32 3.43
N THR A 132 5.03 -21.23 3.29
CA THR A 132 4.85 -22.39 2.44
C THR A 132 3.70 -23.25 2.90
N GLU A 133 3.45 -23.31 4.22
CA GLU A 133 2.32 -24.09 4.73
C GLU A 133 0.97 -23.38 4.61
N LEU A 134 0.99 -22.05 4.72
CA LEU A 134 -0.22 -21.22 4.58
C LEU A 134 -0.61 -21.07 3.09
N ASP A 135 0.40 -21.13 2.24
CA ASP A 135 0.27 -21.17 0.78
C ASP A 135 -0.41 -19.98 0.12
N PRO A 136 -0.09 -18.73 0.54
CA PRO A 136 -0.74 -17.62 -0.15
C PRO A 136 -0.32 -17.44 -1.59
N ASP A 137 -1.26 -16.95 -2.41
CA ASP A 137 -0.95 -16.43 -3.76
C ASP A 137 -0.44 -14.99 -3.64
N VAL A 138 -1.05 -14.23 -2.72
CA VAL A 138 -0.82 -12.79 -2.64
C VAL A 138 -0.49 -12.40 -1.21
N ILE A 139 0.60 -11.67 -1.03
CA ILE A 139 0.99 -11.15 0.28
C ILE A 139 0.75 -9.65 0.25
N VAL A 140 -0.02 -9.14 1.21
CA VAL A 140 -0.38 -7.72 1.29
C VAL A 140 0.33 -7.05 2.45
N ASN A 141 1.00 -5.92 2.18
CA ASN A 141 1.76 -5.23 3.15
C ASN A 141 0.98 -4.00 3.60
N THR A 142 0.43 -4.07 4.82
CA THR A 142 -0.25 -2.94 5.48
C THR A 142 0.40 -2.55 6.85
N CYS A 143 1.74 -2.70 6.93
CA CYS A 143 2.52 -2.37 8.13
C CYS A 143 2.65 -0.86 8.33
N THR A 144 2.97 -0.46 9.58
CA THR A 144 3.25 0.90 10.00
C THR A 144 4.25 1.57 9.05
N THR A 145 3.98 2.83 8.72
CA THR A 145 4.92 3.63 7.91
C THR A 145 6.33 3.65 8.51
N GLU A 146 7.36 3.67 7.62
CA GLU A 146 8.76 3.38 7.94
C GLU A 146 9.68 4.46 7.44
N ALA A 147 10.71 4.76 8.24
CA ALA A 147 11.81 5.63 7.77
C ALA A 147 12.77 4.72 6.98
N PHE A 148 12.64 4.69 5.64
CA PHE A 148 13.38 3.73 4.80
C PHE A 148 14.36 4.50 3.95
N VAL A 149 15.33 3.77 3.44
CA VAL A 149 16.23 4.25 2.40
C VAL A 149 16.36 3.11 1.37
N PRO A 150 16.01 3.37 0.12
CA PRO A 150 16.13 2.30 -0.87
C PRO A 150 17.58 1.90 -1.17
N PHE A 151 17.69 0.72 -1.80
CA PHE A 151 18.97 0.13 -2.18
C PHE A 151 19.44 0.51 -3.57
N GLY A 152 18.58 0.39 -4.56
CA GLY A 152 18.97 0.66 -5.93
C GLY A 152 19.68 -0.49 -6.60
N ASN A 153 20.69 -1.05 -5.93
CA ASN A 153 21.42 -2.21 -6.40
C ASN A 153 21.06 -3.39 -5.54
N LYS A 154 20.65 -4.47 -6.19
CA LYS A 154 20.31 -5.71 -5.50
C LYS A 154 21.45 -6.20 -4.57
N GLU A 155 22.70 -6.05 -5.00
CA GLU A 155 23.84 -6.55 -4.22
C GLU A 155 23.84 -5.96 -2.80
N ASP A 156 23.47 -4.70 -2.69
CA ASP A 156 23.42 -4.04 -1.38
C ASP A 156 22.28 -4.58 -0.49
N LEU A 157 21.14 -4.92 -1.09
CA LEU A 157 20.05 -5.57 -0.37
C LEU A 157 20.51 -6.93 0.12
N LEU A 158 21.17 -7.69 -0.75
CA LEU A 158 21.61 -9.04 -0.36
C LEU A 158 22.61 -8.99 0.76
N LYS A 159 23.54 -8.04 0.69
CA LYS A 159 24.54 -7.89 1.73
C LYS A 159 23.94 -7.48 3.07
N ALA A 160 22.93 -6.59 3.01
CA ALA A 160 22.20 -6.16 4.23
C ALA A 160 21.55 -7.33 4.94
N ILE A 161 20.95 -8.23 4.19
CA ILE A 161 20.36 -9.42 4.82
C ILE A 161 21.45 -10.35 5.38
N GLU A 162 22.45 -10.62 4.55
CA GLU A 162 23.51 -11.57 4.87
C GLU A 162 24.25 -11.13 6.15
N ASN A 163 24.46 -9.84 6.29
CA ASN A 163 25.23 -9.30 7.40
C ASN A 163 24.39 -8.93 8.62
N ASN A 164 23.10 -9.30 8.62
CA ASN A 164 22.18 -9.04 9.73
C ASN A 164 22.13 -7.54 10.06
N ASP A 165 22.07 -6.73 9.01
CA ASP A 165 22.26 -5.28 9.16
C ASP A 165 20.90 -4.63 9.48
N LYS A 166 20.51 -4.82 10.73
CA LYS A 166 19.20 -4.39 11.19
C LYS A 166 19.05 -2.87 11.13
N GLU A 167 20.09 -2.12 11.43
CA GLU A 167 20.01 -0.66 11.38
C GLU A 167 19.75 -0.15 9.97
N ARG A 168 20.11 -0.95 8.94
CA ARG A 168 19.94 -0.52 7.53
C ARG A 168 18.54 -0.80 6.94
N LEU A 169 17.88 -1.82 7.44
CA LEU A 169 16.69 -2.37 6.82
C LEU A 169 15.41 -1.96 7.53
N THR A 170 14.32 -1.91 6.78
CA THR A 170 13.00 -1.82 7.38
C THR A 170 12.28 -3.17 7.26
N ALA A 171 11.18 -3.29 8.00
CA ALA A 171 10.41 -4.54 7.98
C ALA A 171 9.89 -4.86 6.59
N THR A 172 9.31 -3.90 5.91
CA THR A 172 8.78 -4.11 4.55
C THR A 172 9.88 -4.58 3.62
N GLN A 173 11.12 -4.05 3.77
CA GLN A 173 12.23 -4.53 2.93
C GLN A 173 12.53 -6.01 3.20
N VAL A 174 12.52 -6.40 4.47
CA VAL A 174 12.76 -7.79 4.84
C VAL A 174 11.60 -8.66 4.36
N TYR A 175 10.37 -8.20 4.55
CA TYR A 175 9.21 -8.98 4.06
C TYR A 175 9.17 -9.20 2.54
N ALA A 176 9.47 -8.17 1.74
CA ALA A 176 9.55 -8.31 0.29
C ALA A 176 10.68 -9.30 -0.16
N TYR A 177 11.80 -9.22 0.52
CA TYR A 177 12.88 -10.17 0.34
C TYR A 177 12.38 -11.59 0.61
N ALA A 178 11.83 -11.81 1.80
CA ALA A 178 11.19 -13.09 2.11
C ALA A 178 10.14 -13.53 1.07
N ALA A 179 9.35 -12.59 0.55
CA ALA A 179 8.34 -12.89 -0.45
C ALA A 179 8.97 -13.44 -1.73
N ALA A 180 10.15 -12.92 -2.12
CA ALA A 180 10.82 -13.42 -3.33
C ALA A 180 11.31 -14.83 -3.06
N LEU A 181 11.87 -15.07 -1.87
CA LEU A 181 12.39 -16.42 -1.56
C LEU A 181 11.22 -17.41 -1.53
N TYR A 182 10.12 -16.98 -0.93
CA TYR A 182 8.90 -17.77 -0.88
C TYR A 182 8.37 -18.05 -2.27
N ALA A 183 8.30 -17.03 -3.11
CA ALA A 183 7.83 -17.15 -4.49
C ALA A 183 8.63 -18.14 -5.27
N ASN A 184 9.95 -18.09 -5.07
CA ASN A 184 10.83 -19.03 -5.74
C ASN A 184 10.55 -20.44 -5.29
N LYS A 185 10.36 -20.66 -3.98
CA LYS A 185 10.10 -22.03 -3.50
C LYS A 185 8.72 -22.53 -3.92
N ARG A 186 7.78 -21.60 -4.05
CA ARG A 186 6.38 -21.95 -4.34
C ARG A 186 6.06 -22.07 -5.82
N GLY A 187 6.88 -21.47 -6.68
CA GLY A 187 6.59 -21.40 -8.09
C GLY A 187 5.81 -20.16 -8.53
N GLY A 188 5.74 -19.17 -7.66
CA GLY A 188 5.17 -17.87 -7.99
C GLY A 188 4.24 -17.32 -6.95
N ALA A 189 4.33 -16.01 -6.74
CA ALA A 189 3.44 -15.33 -5.82
C ALA A 189 3.47 -13.85 -6.13
N ALA A 190 2.67 -13.08 -5.39
CA ALA A 190 2.58 -11.64 -5.61
C ALA A 190 2.69 -10.95 -4.28
N PHE A 191 3.27 -9.74 -4.33
CA PHE A 191 3.46 -8.92 -3.14
C PHE A 191 2.85 -7.55 -3.46
N VAL A 192 1.89 -7.13 -2.63
CA VAL A 192 1.19 -5.83 -2.80
C VAL A 192 1.61 -4.86 -1.73
N ASN A 193 2.31 -3.81 -2.12
CA ASN A 193 2.83 -2.86 -1.17
C ASN A 193 2.07 -1.58 -1.22
N VAL A 194 1.20 -1.39 -0.25
CA VAL A 194 0.39 -0.17 -0.23
C VAL A 194 0.91 0.88 0.71
N ILE A 195 2.13 0.73 1.24
CA ILE A 195 2.78 1.75 2.08
C ILE A 195 3.89 2.47 1.29
N PRO A 196 4.40 3.60 1.83
CA PRO A 196 5.34 4.42 1.07
C PRO A 196 6.69 3.83 0.71
N THR A 197 7.17 2.88 1.51
CA THR A 197 8.50 2.34 1.32
C THR A 197 8.67 1.83 -0.08
N PHE A 198 9.76 2.25 -0.73
CA PHE A 198 10.02 1.81 -2.10
C PHE A 198 10.26 0.28 -2.18
N ILE A 199 9.39 -0.40 -2.92
CA ILE A 199 9.59 -1.78 -3.29
C ILE A 199 9.46 -1.89 -4.83
N ALA A 200 8.26 -1.56 -5.34
CA ALA A 200 8.09 -1.41 -6.80
C ALA A 200 9.02 -0.36 -7.44
N ASN A 201 9.36 0.68 -6.67
CA ASN A 201 10.23 1.76 -7.11
C ASN A 201 11.70 1.63 -6.72
N ASP A 202 12.07 0.45 -6.21
CA ASP A 202 13.49 0.16 -5.90
C ASP A 202 13.94 -0.92 -6.85
N PRO A 203 14.75 -0.54 -7.83
CA PRO A 203 15.20 -1.53 -8.78
C PRO A 203 15.83 -2.78 -8.18
N ALA A 204 16.38 -2.68 -6.95
CA ALA A 204 16.92 -3.88 -6.30
C ALA A 204 15.83 -4.92 -6.11
N PHE A 205 14.65 -4.49 -5.71
CA PHE A 205 13.56 -5.40 -5.42
C PHE A 205 12.87 -5.84 -6.72
N VAL A 206 12.79 -4.96 -7.72
CA VAL A 206 12.16 -5.32 -9.00
C VAL A 206 13.00 -6.43 -9.65
N GLU A 207 14.31 -6.29 -9.61
CA GLU A 207 15.19 -7.35 -10.15
C GLU A 207 15.13 -8.65 -9.36
N LEU A 208 15.18 -8.57 -8.03
CA LEU A 208 15.05 -9.75 -7.19
C LEU A 208 13.71 -10.42 -7.51
N ALA A 209 12.65 -9.61 -7.68
CA ALA A 209 11.31 -10.19 -7.97
C ALA A 209 11.27 -10.91 -9.33
N LYS A 210 11.82 -10.29 -10.36
CA LYS A 210 11.79 -10.83 -11.71
C LYS A 210 12.50 -12.16 -11.69
N GLU A 211 13.58 -12.23 -10.90
CA GLU A 211 14.41 -13.44 -10.88
C GLU A 211 13.81 -14.56 -10.07
N ASN A 212 12.82 -14.25 -9.20
CA ASN A 212 12.30 -15.19 -8.25
C ASN A 212 10.80 -15.51 -8.33
N ASN A 213 10.23 -15.25 -9.49
CA ASN A 213 8.82 -15.54 -9.76
C ASN A 213 7.86 -14.77 -8.86
N LEU A 214 8.21 -13.52 -8.61
CA LEU A 214 7.39 -12.65 -7.82
C LEU A 214 6.85 -11.45 -8.60
N VAL A 215 5.54 -11.25 -8.50
CA VAL A 215 4.86 -10.05 -9.03
C VAL A 215 4.79 -9.04 -7.89
N VAL A 216 5.10 -7.79 -8.21
CA VAL A 216 5.07 -6.74 -7.24
C VAL A 216 4.13 -5.65 -7.72
N PHE A 217 3.19 -5.26 -6.87
CA PHE A 217 2.44 -4.00 -7.09
C PHE A 217 2.91 -3.01 -6.02
N GLY A 218 3.10 -1.78 -6.44
CA GLY A 218 3.48 -0.73 -5.48
C GLY A 218 3.74 0.56 -6.22
N ASP A 219 4.05 1.63 -5.48
CA ASP A 219 4.08 1.72 -4.00
C ASP A 219 3.09 2.83 -3.53
N ASP A 220 2.55 2.67 -2.33
CA ASP A 220 1.75 3.68 -1.57
C ASP A 220 0.34 3.74 -2.18
N GLY A 221 -0.65 3.23 -1.47
CA GLY A 221 -2.02 3.24 -2.00
C GLY A 221 -2.55 4.62 -2.39
N ALA A 222 -3.29 4.69 -3.50
CA ALA A 222 -3.78 5.98 -4.07
C ALA A 222 -5.06 6.39 -3.41
N THR A 223 -4.96 6.91 -2.20
CA THR A 223 -6.12 7.39 -1.48
C THR A 223 -5.78 8.72 -0.88
N GLY A 224 -6.79 9.38 -0.33
CA GLY A 224 -6.58 10.61 0.41
C GLY A 224 -6.60 11.86 -0.46
N ALA A 225 -5.90 12.89 0.01
CA ALA A 225 -5.93 14.17 -0.69
C ALA A 225 -5.16 14.20 -1.98
N THR A 226 -4.06 13.47 -2.06
CA THR A 226 -3.14 13.65 -3.21
C THR A 226 -3.79 13.29 -4.52
N PRO A 227 -4.55 12.18 -4.57
CA PRO A 227 -5.26 11.89 -5.81
C PRO A 227 -6.29 12.96 -6.25
N PHE A 228 -6.92 13.63 -5.29
CA PHE A 228 -7.81 14.74 -5.61
C PHE A 228 -7.01 15.91 -6.17
N THR A 229 -5.89 16.25 -5.54
CA THR A 229 -5.00 17.32 -6.09
C THR A 229 -4.57 17.00 -7.53
N ALA A 230 -4.22 15.73 -7.75
CA ALA A 230 -3.74 15.30 -9.03
C ALA A 230 -4.85 15.42 -10.10
N ASP A 231 -6.07 15.07 -9.75
CA ASP A 231 -7.21 15.22 -10.63
C ASP A 231 -7.42 16.68 -11.04
N VAL A 232 -7.39 17.59 -10.07
CA VAL A 232 -7.51 19.00 -10.42
C VAL A 232 -6.36 19.43 -11.31
N LEU A 233 -5.14 19.04 -10.97
CA LEU A 233 -4.01 19.44 -11.81
C LEU A 233 -4.18 18.95 -13.27
N SER A 234 -4.70 17.73 -13.42
CA SER A 234 -4.89 17.16 -14.76
C SER A 234 -5.84 18.05 -15.57
N HIS A 235 -6.96 18.46 -14.96
CA HIS A 235 -7.96 19.42 -15.51
CA HIS A 235 -7.87 19.32 -15.69
C HIS A 235 -7.31 20.70 -15.97
N LEU A 236 -6.55 21.27 -15.05
CA LEU A 236 -5.89 22.52 -15.39
C LEU A 236 -4.89 22.42 -16.49
N ALA A 237 -4.09 21.35 -16.49
CA ALA A 237 -3.08 21.08 -17.56
C ALA A 237 -3.75 21.05 -18.95
N GLN A 238 -4.87 20.34 -19.05
CA GLN A 238 -5.66 20.26 -20.29
C GLN A 238 -6.05 21.58 -20.92
N ARG A 239 -6.35 22.53 -20.05
CA ARG A 239 -6.81 23.85 -20.42
C ARG A 239 -5.67 24.84 -20.51
N ASN A 240 -4.44 24.34 -20.37
CA ASN A 240 -3.22 25.17 -20.44
C ASN A 240 -3.28 26.29 -19.44
N ARG A 241 -3.80 25.99 -18.25
CA ARG A 241 -3.86 26.97 -17.18
C ARG A 241 -2.57 26.87 -16.35
N TYR A 242 -1.88 27.98 -16.13
CA TYR A 242 -0.56 27.93 -15.51
C TYR A 242 -0.75 27.92 -13.97
N VAL A 243 -0.30 26.84 -13.35
CA VAL A 243 -0.45 26.63 -11.93
C VAL A 243 0.66 27.37 -11.17
N LYS A 244 0.22 28.34 -10.35
CA LYS A 244 1.11 29.18 -9.60
C LYS A 244 1.57 28.53 -8.30
N ASP A 245 0.68 27.80 -7.66
CA ASP A 245 0.97 27.17 -6.38
C ASP A 245 -0.08 26.17 -5.99
N VAL A 246 0.31 25.18 -5.19
CA VAL A 246 -0.55 24.11 -4.73
C VAL A 246 -0.25 23.89 -3.27
N ALA A 247 -1.26 24.00 -2.40
CA ALA A 247 -1.10 23.71 -0.96
C ALA A 247 -2.08 22.66 -0.58
N GLN A 248 -1.62 21.66 0.16
CA GLN A 248 -2.46 20.52 0.53
C GLN A 248 -2.26 20.31 1.99
N PHE A 249 -3.35 20.18 2.75
CA PHE A 249 -3.28 19.92 4.18
C PHE A 249 -4.03 18.66 4.42
N ASN A 250 -3.48 17.76 5.24
CA ASN A 250 -4.18 16.50 5.53
C ASN A 250 -3.92 16.13 7.00
N ILE A 251 -4.96 15.79 7.74
CA ILE A 251 -4.84 15.52 9.16
C ILE A 251 -5.87 14.46 9.55
N GLY A 252 -5.50 13.65 10.52
CA GLY A 252 -6.40 12.58 10.99
C GLY A 252 -5.93 12.05 12.33
N GLY A 253 -6.65 11.04 12.81
CA GLY A 253 -6.51 10.56 14.18
C GLY A 253 -5.96 9.16 14.33
N ASN A 254 -5.39 8.64 13.27
CA ASN A 254 -4.75 7.31 13.31
C ASN A 254 -3.32 7.36 13.90
N MET A 255 -3.05 6.39 14.78
CA MET A 255 -1.79 6.31 15.50
C MET A 255 -0.59 6.27 14.53
N ASP A 256 -0.81 5.70 13.36
CA ASP A 256 0.24 5.57 12.35
C ASP A 256 0.86 6.89 11.96
N PHE A 257 0.10 7.95 12.07
CA PHE A 257 0.63 9.31 11.78
C PHE A 257 1.70 9.82 12.74
N LEU A 258 1.88 9.12 13.85
CA LEU A 258 2.94 9.44 14.78
C LEU A 258 4.14 8.47 14.70
N ALA A 259 4.13 7.59 13.71
CA ALA A 259 5.11 6.51 13.61
C ALA A 259 6.55 6.98 13.46
N LEU A 260 6.77 8.12 12.79
CA LEU A 260 8.10 8.52 12.42
C LEU A 260 8.51 9.72 13.31
N THR A 261 9.75 9.70 13.76
CA THR A 261 10.31 10.87 14.43
C THR A 261 10.57 11.96 13.40
N ASP A 262 10.84 13.19 13.85
CA ASP A 262 11.30 14.22 12.92
C ASP A 262 12.56 13.77 12.18
N ASP A 263 13.48 13.11 12.89
CA ASP A 263 14.68 12.55 12.28
C ASP A 263 14.38 11.50 11.18
N GLY A 264 13.50 10.54 11.49
CA GLY A 264 13.12 9.51 10.50
C GLY A 264 12.49 10.13 9.26
N LYS A 265 11.63 11.12 9.49
CA LYS A 265 11.05 11.90 8.40
C LYS A 265 12.12 12.58 7.57
N ASN A 266 13.11 13.16 8.22
CA ASN A 266 14.23 13.84 7.52
C ASN A 266 15.03 12.85 6.68
N LYS A 267 15.21 11.64 7.20
CA LYS A 267 16.02 10.62 6.55
C LYS A 267 15.38 10.11 5.23
N SER A 268 14.05 9.98 5.22
CA SER A 268 13.31 9.43 4.09
C SER A 268 12.73 10.46 3.14
N LYS A 269 12.73 11.74 3.57
CA LYS A 269 12.12 12.86 2.84
C LYS A 269 12.52 12.90 1.34
N GLU A 270 13.80 12.66 1.08
CA GLU A 270 14.33 12.59 -0.31
C GLU A 270 13.46 11.65 -1.18
N PHE A 271 12.95 10.59 -0.55
CA PHE A 271 12.19 9.58 -1.23
C PHE A 271 10.67 9.69 -1.04
N THR A 272 10.22 10.28 0.06
CA THR A 272 8.80 10.36 0.30
C THR A 272 8.16 11.62 -0.27
N LYS A 273 8.97 12.54 -0.76
CA LYS A 273 8.46 13.79 -1.39
C LYS A 273 7.61 13.45 -2.61
N SER A 274 6.44 14.08 -2.80
CA SER A 274 5.58 13.70 -3.96
C SER A 274 6.19 14.28 -5.20
N SER A 275 6.05 13.58 -6.32
CA SER A 275 6.40 14.15 -7.62
C SER A 275 5.13 14.38 -8.43
N ILE A 276 3.96 14.24 -7.80
CA ILE A 276 2.71 14.36 -8.53
C ILE A 276 2.58 15.63 -9.35
N VAL A 277 2.98 16.76 -8.80
CA VAL A 277 2.80 18.03 -9.52
C VAL A 277 3.60 18.11 -10.80
N LYS A 278 4.88 17.78 -10.76
CA LYS A 278 5.66 17.83 -11.96
C LYS A 278 5.24 16.68 -12.91
N ASP A 279 4.84 15.54 -12.35
CA ASP A 279 4.45 14.38 -13.16
C ASP A 279 3.29 14.79 -14.07
N ILE A 280 2.31 15.47 -13.49
CA ILE A 280 1.05 15.77 -14.21
C ILE A 280 1.22 17.05 -15.03
N LEU A 281 1.80 18.11 -14.44
CA LEU A 281 1.92 19.37 -15.16
C LEU A 281 3.08 19.49 -16.15
N GLY A 282 4.16 18.77 -15.85
CA GLY A 282 5.39 18.88 -16.62
C GLY A 282 6.36 19.96 -16.16
N TYR A 283 5.96 20.76 -15.18
CA TYR A 283 6.83 21.80 -14.59
C TYR A 283 6.57 21.72 -13.07
N ASP A 284 7.55 22.10 -12.26
CA ASP A 284 7.48 21.89 -10.83
C ASP A 284 6.92 23.14 -10.13
N ALA A 285 5.61 23.29 -10.24
CA ALA A 285 4.95 24.43 -9.60
C ALA A 285 5.20 24.35 -8.11
N PRO A 286 5.48 25.49 -7.44
CA PRO A 286 5.70 25.47 -6.00
C PRO A 286 4.57 24.81 -5.29
N HIS A 287 4.88 23.94 -4.34
CA HIS A 287 3.84 23.20 -3.69
C HIS A 287 4.20 22.86 -2.27
N TYR A 288 3.15 22.64 -1.50
CA TYR A 288 3.26 22.23 -0.09
C TYR A 288 2.42 20.98 0.06
N ILE A 289 3.07 19.82 0.05
CA ILE A 289 2.40 18.53 0.16
C ILE A 289 3.25 17.70 1.15
N LYS A 290 2.66 17.41 2.32
CA LYS A 290 3.40 16.88 3.50
C LYS A 290 2.68 15.67 4.04
N PRO A 291 3.36 14.92 4.91
CA PRO A 291 2.70 13.86 5.66
C PRO A 291 1.47 14.32 6.47
N THR A 292 0.57 13.37 6.67
CA THR A 292 -0.62 13.60 7.45
C THR A 292 -0.26 13.92 8.89
N GLY A 293 -0.84 15.01 9.40
CA GLY A 293 -0.75 15.45 10.80
C GLY A 293 -1.72 14.69 11.71
N TYR A 294 -1.53 14.80 13.01
CA TYR A 294 -2.32 14.03 13.98
C TYR A 294 -3.25 14.86 14.82
N LEU A 295 -4.52 14.43 14.86
CA LEU A 295 -5.52 14.99 15.74
C LEU A 295 -6.50 13.87 16.08
N GLU A 296 -6.41 13.41 17.31
CA GLU A 296 -7.00 12.14 17.72
C GLU A 296 -8.51 12.01 17.47
N PRO A 297 -9.30 13.04 17.79
CA PRO A 297 -10.76 12.81 17.63
C PRO A 297 -11.28 12.62 16.20
N LEU A 298 -10.46 12.91 15.18
CA LEU A 298 -10.87 12.73 13.80
C LEU A 298 -10.94 11.25 13.50
N GLY A 299 -10.26 10.42 14.29
CA GLY A 299 -10.17 8.99 14.02
C GLY A 299 -9.78 8.68 12.59
N ASP A 300 -10.49 7.70 12.03
CA ASP A 300 -10.17 7.21 10.71
C ASP A 300 -10.66 8.12 9.57
N LYS A 301 -11.28 9.24 9.92
CA LYS A 301 -11.83 10.12 8.89
C LYS A 301 -11.05 11.44 8.77
N LYS A 302 -10.18 11.47 7.77
CA LYS A 302 -9.24 12.59 7.54
C LYS A 302 -9.97 13.84 7.21
N PHE A 303 -9.44 14.99 7.63
CA PHE A 303 -9.85 16.26 7.08
C PHE A 303 -8.77 16.64 6.08
N ILE A 304 -9.19 17.06 4.89
CA ILE A 304 -8.26 17.55 3.88
C ILE A 304 -8.64 18.96 3.45
N ALA A 305 -7.64 19.77 3.05
CA ALA A 305 -7.86 21.10 2.52
C ALA A 305 -6.85 21.31 1.43
N ILE A 306 -7.28 21.75 0.25
CA ILE A 306 -6.38 21.92 -0.90
C ILE A 306 -6.66 23.32 -1.45
N HIS A 307 -5.60 24.06 -1.80
CA HIS A 307 -5.74 25.35 -2.42
C HIS A 307 -4.84 25.41 -3.62
N ILE A 308 -5.41 25.80 -4.75
CA ILE A 308 -4.63 25.88 -6.01
C ILE A 308 -4.99 27.18 -6.64
N GLU A 309 -3.98 27.96 -7.03
CA GLU A 309 -4.23 29.14 -7.80
C GLU A 309 -3.52 29.07 -9.13
N TYR A 310 -4.19 29.60 -10.15
CA TYR A 310 -3.71 29.42 -11.51
C TYR A 310 -4.05 30.60 -12.37
N VAL A 311 -3.32 30.73 -13.47
CA VAL A 311 -3.53 31.82 -14.40
C VAL A 311 -4.34 31.31 -15.59
N SER A 312 -5.36 32.07 -15.95
CA SER A 312 -6.25 31.71 -17.04
C SER A 312 -5.94 32.68 -18.18
N PHE A 313 -6.89 32.92 -19.06
CA PHE A 313 -6.70 33.79 -20.21
C PHE A 313 -6.60 35.27 -19.86
N ASN A 314 -5.86 36.02 -20.68
CA ASN A 314 -5.79 37.46 -20.56
C ASN A 314 -5.29 37.90 -19.17
N GLY A 315 -4.46 37.08 -18.56
CA GLY A 315 -3.80 37.45 -17.34
C GLY A 315 -4.67 37.24 -16.12
N ALA A 316 -5.88 36.73 -16.31
CA ALA A 316 -6.77 36.44 -15.20
C ALA A 316 -6.23 35.35 -14.24
N THR A 317 -6.51 35.49 -12.93
CA THR A 317 -6.06 34.55 -11.92
C THR A 317 -7.29 34.01 -11.12
N ASP A 318 -7.35 32.69 -11.06
CA ASP A 318 -8.48 31.94 -10.46
C ASP A 318 -7.94 31.15 -9.27
N GLU A 319 -8.83 30.73 -8.38
CA GLU A 319 -8.45 29.99 -7.21
C GLU A 319 -9.49 28.91 -6.95
N LEU A 320 -9.04 27.71 -6.55
CA LEU A 320 -9.92 26.62 -6.11
C LEU A 320 -9.55 26.23 -4.70
N MET A 321 -10.54 26.11 -3.77
CA MET A 321 -10.29 25.59 -2.39
C MET A 321 -11.16 24.31 -2.24
N ILE A 322 -10.55 23.14 -2.09
CA ILE A 322 -11.25 21.85 -1.94
C ILE A 322 -11.13 21.44 -0.45
N ASN A 323 -12.23 21.10 0.19
CA ASN A 323 -12.16 20.58 1.56
C ASN A 323 -12.81 19.21 1.52
N GLY A 324 -12.46 18.33 2.44
CA GLY A 324 -13.14 17.02 2.40
C GLY A 324 -13.02 16.34 3.73
N ARG A 325 -13.91 15.39 3.95
CA ARG A 325 -13.76 14.45 5.06
C ARG A 325 -13.83 13.11 4.39
N ILE A 326 -12.76 12.37 4.49
CA ILE A 326 -12.62 11.09 3.81
C ILE A 326 -12.17 9.96 4.77
N ASN A 327 -12.88 8.83 4.70
CA ASN A 327 -12.56 7.71 5.53
C ASN A 327 -11.37 6.98 4.98
N ASP A 328 -10.27 7.00 5.74
CA ASP A 328 -8.99 6.46 5.26
C ASP A 328 -8.97 4.99 4.94
N SER A 329 -9.25 4.20 5.96
CA SER A 329 -9.02 2.78 5.86
C SER A 329 -9.99 2.14 4.90
N PRO A 330 -11.26 2.61 4.89
CA PRO A 330 -12.17 2.04 3.85
C PRO A 330 -11.72 2.29 2.43
N ALA A 331 -11.17 3.47 2.15
CA ALA A 331 -10.74 3.75 0.79
C ALA A 331 -9.71 2.70 0.33
N LEU A 332 -8.73 2.46 1.17
CA LEU A 332 -7.66 1.57 0.78
C LEU A 332 -8.11 0.11 0.83
N GLY A 333 -8.91 -0.22 1.82
CA GLY A 333 -9.55 -1.54 1.92
C GLY A 333 -10.25 -1.94 0.63
N GLY A 334 -10.99 -1.01 0.02
CA GLY A 334 -11.66 -1.29 -1.21
C GLY A 334 -10.72 -1.51 -2.37
N LEU A 335 -9.68 -0.72 -2.44
CA LEU A 335 -8.67 -0.93 -3.50
C LEU A 335 -8.05 -2.30 -3.36
N LEU A 336 -7.86 -2.75 -2.14
CA LEU A 336 -7.18 -4.02 -1.93
C LEU A 336 -8.02 -5.20 -2.45
N VAL A 337 -9.35 -5.08 -2.42
CA VAL A 337 -10.23 -6.13 -2.91
C VAL A 337 -9.91 -6.36 -4.40
N ASP A 338 -9.65 -5.29 -5.15
CA ASP A 338 -9.22 -5.45 -6.56
C ASP A 338 -7.77 -5.96 -6.68
N LEU A 339 -6.86 -5.35 -5.92
CA LEU A 339 -5.42 -5.61 -6.04
C LEU A 339 -5.07 -7.07 -5.77
N VAL A 340 -5.71 -7.71 -4.80
CA VAL A 340 -5.46 -9.11 -4.60
C VAL A 340 -5.92 -9.98 -5.79
N ARG A 341 -7.03 -9.62 -6.42
CA ARG A 341 -7.53 -10.40 -7.58
C ARG A 341 -6.67 -10.11 -8.81
N LEU A 342 -6.31 -8.85 -9.00
CA LEU A 342 -5.38 -8.53 -10.08
C LEU A 342 -4.00 -9.17 -9.86
N GLY A 343 -3.59 -9.35 -8.62
CA GLY A 343 -2.31 -10.02 -8.36
C GLY A 343 -2.34 -11.47 -8.81
N LYS A 344 -3.45 -12.15 -8.55
CA LYS A 344 -3.62 -13.54 -9.02
C LYS A 344 -3.64 -13.63 -10.57
N ILE A 345 -4.28 -12.67 -11.25
CA ILE A 345 -4.20 -12.62 -12.71
C ILE A 345 -2.76 -12.43 -13.20
N ALA A 346 -2.03 -11.48 -12.60
CA ALA A 346 -0.66 -11.25 -13.02
C ALA A 346 0.22 -12.45 -12.78
N LEU A 347 -0.02 -13.11 -11.65
CA LEU A 347 0.68 -14.38 -11.34
C LEU A 347 0.35 -15.46 -12.34
N ASP A 348 -0.94 -15.66 -12.63
CA ASP A 348 -1.39 -16.62 -13.64
C ASP A 348 -0.73 -16.36 -15.00
N ARG A 349 -0.57 -15.12 -15.34
CA ARG A 349 0.12 -14.72 -16.58
C ARG A 349 1.66 -14.72 -16.50
N LYS A 350 2.22 -15.04 -15.35
CA LYS A 350 3.68 -15.00 -15.13
C LYS A 350 4.30 -13.63 -15.40
N GLU A 351 3.62 -12.55 -15.01
CA GLU A 351 4.15 -11.21 -15.28
C GLU A 351 4.98 -10.75 -14.07
N PHE A 352 6.15 -11.36 -13.89
CA PHE A 352 6.99 -11.09 -12.76
C PHE A 352 7.76 -9.77 -12.90
N GLY A 353 8.15 -9.22 -11.77
CA GLY A 353 8.67 -7.85 -11.70
C GLY A 353 7.55 -6.97 -11.24
N THR A 354 7.49 -5.75 -11.74
CA THR A 354 6.34 -4.88 -11.30
C THR A 354 5.45 -4.60 -12.50
N VAL A 355 4.19 -4.29 -12.26
CA VAL A 355 3.20 -4.15 -13.34
C VAL A 355 2.65 -2.69 -13.35
N TYR A 356 3.25 -1.84 -14.20
CA TYR A 356 2.84 -0.43 -14.25
C TYR A 356 1.35 -0.20 -14.57
N PRO A 357 0.74 -0.97 -15.50
CA PRO A 357 -0.70 -0.73 -15.80
C PRO A 357 -1.59 -0.83 -14.58
N VAL A 358 -1.22 -1.71 -13.65
CA VAL A 358 -1.91 -1.78 -12.34
C VAL A 358 -1.49 -0.64 -11.40
N ASN A 359 -0.18 -0.47 -11.21
CA ASN A 359 0.35 0.52 -10.30
C ASN A 359 -0.17 1.91 -10.65
N ALA A 360 -0.18 2.23 -11.92
CA ALA A 360 -0.56 3.60 -12.32
C ALA A 360 -1.94 4.06 -11.83
N PHE A 361 -2.87 3.13 -11.70
CA PHE A 361 -4.17 3.46 -11.23
C PHE A 361 -4.27 3.38 -9.71
N TYR A 362 -3.73 2.32 -9.13
CA TYR A 362 -3.95 2.04 -7.72
C TYR A 362 -2.99 2.68 -6.70
N MET A 363 -1.88 3.21 -7.19
CA MET A 363 -0.77 3.62 -6.34
C MET A 363 -0.45 5.04 -6.61
N LYS A 364 -0.12 5.77 -5.53
CA LYS A 364 0.31 7.12 -5.77
C LYS A 364 1.76 7.31 -6.07
N ASN A 365 2.60 6.29 -5.91
CA ASN A 365 3.95 6.32 -6.48
C ASN A 365 4.12 5.09 -7.30
N PRO A 366 3.56 5.07 -8.52
CA PRO A 366 3.55 3.83 -9.27
C PRO A 366 4.91 3.35 -9.72
N GLY A 367 5.23 2.09 -9.46
CA GLY A 367 6.45 1.53 -9.90
C GLY A 367 6.41 1.18 -11.37
N PRO A 368 7.57 1.01 -12.00
CA PRO A 368 8.96 1.03 -11.47
C PRO A 368 9.51 2.44 -11.40
N ALA A 369 10.75 2.59 -10.95
CA ALA A 369 11.31 3.93 -10.71
C ALA A 369 11.33 4.77 -11.95
N GLU A 370 11.40 4.09 -13.10
CA GLU A 370 11.45 4.77 -14.38
C GLU A 370 10.10 5.20 -14.96
N GLU A 371 9.01 4.96 -14.23
CA GLU A 371 7.69 5.38 -14.66
C GLU A 371 7.16 6.36 -13.65
N LYS A 372 6.23 7.19 -14.11
CA LYS A 372 5.70 8.27 -13.30
C LYS A 372 4.17 8.27 -13.31
N ASN A 373 3.59 9.12 -12.46
CA ASN A 373 2.15 9.27 -12.42
C ASN A 373 1.65 9.86 -13.77
N ILE A 374 0.46 9.42 -14.16
CA ILE A 374 -0.31 9.95 -15.31
C ILE A 374 -1.71 10.32 -14.76
N PRO A 375 -2.49 11.13 -15.51
CA PRO A 375 -3.88 11.31 -15.09
C PRO A 375 -4.59 9.98 -14.83
N ARG A 376 -5.27 9.91 -13.71
CA ARG A 376 -5.80 8.63 -13.25
C ARG A 376 -6.95 8.08 -14.09
N ILE A 377 -7.68 8.90 -14.84
CA ILE A 377 -8.68 8.40 -15.78
C ILE A 377 -8.01 7.65 -16.92
N ILE A 378 -6.89 8.18 -17.41
CA ILE A 378 -6.09 7.46 -18.41
C ILE A 378 -5.53 6.15 -17.84
N ALA A 379 -4.97 6.21 -16.64
CA ALA A 379 -4.50 5.01 -15.94
C ALA A 379 -5.63 3.99 -15.80
N TYR A 380 -6.82 4.43 -15.43
CA TYR A 380 -7.97 3.55 -15.29
C TYR A 380 -8.29 2.82 -16.56
N GLU A 381 -8.36 3.54 -17.70
CA GLU A 381 -8.73 2.85 -18.93
C GLU A 381 -7.65 1.85 -19.33
N LYS A 382 -6.39 2.22 -19.14
CA LYS A 382 -5.29 1.27 -19.44
C LYS A 382 -5.23 0.05 -18.53
N MET A 383 -5.63 0.25 -17.28
CA MET A 383 -5.72 -0.82 -16.30
C MET A 383 -6.87 -1.72 -16.71
N ARG A 384 -8.04 -1.18 -17.08
CA ARG A 384 -9.13 -2.07 -17.59
C ARG A 384 -8.64 -2.94 -18.76
N ILE A 385 -7.93 -2.35 -19.70
CA ILE A 385 -7.47 -3.10 -20.86
C ILE A 385 -6.52 -4.20 -20.41
N TRP A 386 -5.61 -3.90 -19.49
CA TRP A 386 -4.66 -4.91 -18.94
C TRP A 386 -5.43 -6.09 -18.33
N ALA A 387 -6.53 -5.78 -17.65
CA ALA A 387 -7.32 -6.77 -16.91
C ALA A 387 -8.18 -7.60 -17.81
N GLY A 388 -8.21 -7.30 -19.10
CA GLY A 388 -9.10 -8.00 -20.06
C GLY A 388 -10.53 -7.49 -20.11
N LEU A 389 -10.75 -6.25 -19.73
CA LEU A 389 -12.08 -5.67 -19.77
C LEU A 389 -12.18 -4.67 -20.88
N LYS A 390 -13.41 -4.32 -21.24
CA LYS A 390 -13.68 -3.23 -22.19
C LYS A 390 -13.56 -1.91 -21.44
N PRO A 391 -13.09 -0.82 -22.10
CA PRO A 391 -13.02 0.48 -21.39
C PRO A 391 -14.42 1.01 -21.01
N LYS A 392 -14.50 1.93 -20.06
CA LYS A 392 -15.75 2.30 -19.42
C LYS A 392 -16.54 3.30 -20.25
N TRP A 393 -15.87 4.26 -20.84
CA TRP A 393 -16.58 5.30 -21.58
C TRP A 393 -16.28 5.20 -23.08
#